data_8J69
#
_entry.id   8J69
#
_cell.length_a   53.367
_cell.length_b   64.498
_cell.length_c   81.643
_cell.angle_alpha   90.00
_cell.angle_beta   90.00
_cell.angle_gamma   90.00
#
_symmetry.space_group_name_H-M   'P 21 21 21'
#
loop_
_entity.id
_entity.type
_entity.pdbx_description
1 polymer 'HORMA domain-containing protein 1'
2 water water
#
_entity_poly.entity_id   1
_entity_poly.type   'polypeptide(L)'
_entity_poly.pdbx_seq_one_letter_code
;MATAQLQRTPMSALVFPNKISTEHQSLVLVKRLLAVSVSCITYLRGIFPECAYGTRYLDDLCVKILREDKNCPGSTQLVK
WMLGCYDALQKKYLRMVVLAVYTNPEDPQTISECYQFKFKYTNNGPLMDFISKNQSNESSMLSTDTKKASILLIRKIYIL
MQNLGPLPNDVCLTMKLFYYDEVTPPDYQPPGFKDGDCEGVIFEGEPMYLNVGEVSTPFHIFKVKVTTERERMENIDSTI
LSPKQIKTPFQKILRDKDVEDEQEHYTSDDLDIETKMEEQEKNPASSELEEPSLVCEEDEIMRSKESPDLSISHSQVEQL
VNKTSELDMSESKTRSGKVFQNKMANGNQPVKSSKENRKRSQHESGRIVLHHFDSSSQESVPKRRKFSEPKEHI
;
_entity_poly.pdbx_strand_id   A
#
# COMPACT_ATOMS: atom_id res chain seq x y z
N SER A 12 -9.42 16.33 -12.80
CA SER A 12 -10.22 15.28 -12.19
C SER A 12 -9.99 13.93 -12.87
N ALA A 13 -8.91 13.83 -13.66
CA ALA A 13 -8.56 12.57 -14.31
C ALA A 13 -7.14 12.18 -13.94
N LEU A 14 -6.92 10.88 -13.68
CA LEU A 14 -5.58 10.35 -13.43
C LEU A 14 -5.26 9.39 -14.58
N VAL A 15 -4.18 9.65 -15.30
CA VAL A 15 -3.85 8.91 -16.52
C VAL A 15 -2.58 8.10 -16.29
N PHE A 16 -2.70 6.76 -16.37
CA PHE A 16 -1.62 5.82 -16.19
C PHE A 16 -0.90 5.57 -17.51
N PRO A 17 0.44 5.67 -17.55
CA PRO A 17 1.18 5.31 -18.76
C PRO A 17 0.71 4.00 -19.38
N ASN A 18 0.18 4.03 -20.61
CA ASN A 18 -0.25 2.80 -21.26
C ASN A 18 0.95 1.94 -21.63
N LYS A 19 2.03 2.58 -22.12
CA LYS A 19 3.26 1.92 -22.55
C LYS A 19 4.42 2.38 -21.68
N ILE A 20 5.25 1.44 -21.25
CA ILE A 20 6.44 1.71 -20.45
C ILE A 20 7.66 1.35 -21.28
N SER A 21 8.53 2.32 -21.52
CA SER A 21 9.73 2.13 -22.32
C SER A 21 11.02 2.42 -21.60
N THR A 22 11.00 3.23 -20.55
CA THR A 22 12.22 3.55 -19.83
C THR A 22 12.03 3.21 -18.35
N GLU A 23 13.13 2.88 -17.70
CA GLU A 23 13.10 2.63 -16.26
C GLU A 23 12.43 3.77 -15.49
N HIS A 24 12.61 5.01 -15.94
CA HIS A 24 12.05 6.13 -15.19
C HIS A 24 10.53 6.20 -15.34
N GLN A 25 10.01 6.00 -16.55
CA GLN A 25 8.57 5.84 -16.71
C GLN A 25 8.05 4.79 -15.73
N SER A 26 8.73 3.64 -15.69
CA SER A 26 8.34 2.56 -14.78
C SER A 26 8.42 3.03 -13.33
N LEU A 27 9.54 3.64 -12.94
CA LEU A 27 9.65 4.13 -11.57
C LEU A 27 8.50 5.09 -11.24
N VAL A 28 8.18 6.00 -12.15
CA VAL A 28 7.06 6.90 -11.90
C VAL A 28 5.76 6.12 -11.73
N LEU A 29 5.57 5.09 -12.55
CA LEU A 29 4.32 4.32 -12.44
C LEU A 29 4.20 3.66 -11.07
N VAL A 30 5.29 3.06 -10.58
CA VAL A 30 5.22 2.36 -9.30
C VAL A 30 4.90 3.34 -8.17
N LYS A 31 5.48 4.53 -8.20
CA LYS A 31 5.18 5.50 -7.15
C LYS A 31 3.70 5.84 -7.17
N ARG A 32 3.18 6.11 -8.37
CA ARG A 32 1.75 6.36 -8.52
C ARG A 32 0.94 5.17 -7.99
N LEU A 33 1.32 3.95 -8.39
CA LEU A 33 0.62 2.74 -7.94
C LEU A 33 0.66 2.60 -6.43
N LEU A 34 1.82 2.84 -5.82
CA LEU A 34 1.91 2.78 -4.37
C LEU A 34 1.00 3.83 -3.73
N ALA A 35 1.00 5.06 -4.25
CA ALA A 35 0.23 6.14 -3.64
C ALA A 35 -1.27 5.87 -3.73
N VAL A 36 -1.75 5.53 -4.92
CA VAL A 36 -3.15 5.26 -5.14
C VAL A 36 -3.61 4.12 -4.24
N SER A 37 -2.83 3.03 -4.18
CA SER A 37 -3.24 1.86 -3.39
C SER A 37 -3.36 2.22 -1.92
N VAL A 38 -2.33 2.85 -1.36
CA VAL A 38 -2.35 3.27 0.04
C VAL A 38 -3.53 4.19 0.27
N SER A 39 -3.81 5.05 -0.72
CA SER A 39 -4.91 5.99 -0.60
C SER A 39 -6.26 5.26 -0.64
N CYS A 40 -6.49 4.47 -1.70
CA CYS A 40 -7.72 3.71 -1.81
C CYS A 40 -7.97 2.81 -0.60
N ILE A 41 -6.93 2.11 -0.14
CA ILE A 41 -7.10 1.18 0.97
C ILE A 41 -7.55 1.93 2.21
N THR A 42 -6.84 3.02 2.55
CA THR A 42 -7.22 3.78 3.74
C THR A 42 -8.60 4.40 3.59
N TYR A 43 -9.01 4.69 2.36
CA TYR A 43 -10.35 5.25 2.16
C TYR A 43 -11.43 4.18 2.32
N LEU A 44 -11.22 2.99 1.77
CA LEU A 44 -12.20 1.94 1.86
C LEU A 44 -12.40 1.47 3.30
N ARG A 45 -11.33 1.41 4.08
CA ARG A 45 -11.43 1.02 5.47
C ARG A 45 -11.69 2.22 6.39
N GLY A 46 -12.03 3.38 5.82
CA GLY A 46 -12.39 4.53 6.62
C GLY A 46 -11.37 4.86 7.68
N ILE A 47 -10.10 4.91 7.32
CA ILE A 47 -9.07 5.32 8.28
C ILE A 47 -8.94 6.84 8.39
N PHE A 48 -9.35 7.59 7.36
CA PHE A 48 -9.46 9.04 7.38
C PHE A 48 -10.86 9.42 6.90
N PRO A 49 -11.40 10.54 7.39
CA PRO A 49 -12.73 10.96 6.95
C PRO A 49 -12.72 11.41 5.49
N GLU A 50 -13.90 11.28 4.85
CA GLU A 50 -14.09 11.66 3.44
C GLU A 50 -13.39 12.98 3.08
N CYS A 51 -13.47 13.99 3.94
CA CYS A 51 -12.97 15.33 3.64
C CYS A 51 -11.45 15.41 3.59
N ALA A 52 -10.73 14.31 3.83
CA ALA A 52 -9.29 14.29 3.67
C ALA A 52 -8.86 13.68 2.35
N TYR A 53 -9.79 13.48 1.42
CA TYR A 53 -9.49 12.91 0.12
C TYR A 53 -10.06 13.80 -0.96
N GLY A 54 -9.36 13.85 -2.09
CA GLY A 54 -9.87 14.43 -3.30
C GLY A 54 -10.20 13.29 -4.23
N THR A 55 -10.92 13.62 -5.29
CA THR A 55 -11.44 12.62 -6.20
C THR A 55 -10.83 12.83 -7.57
N ARG A 56 -10.39 11.74 -8.19
CA ARG A 56 -9.88 11.71 -9.55
C ARG A 56 -10.50 10.49 -10.20
N TYR A 57 -10.42 10.41 -11.52
CA TYR A 57 -11.01 9.29 -12.23
C TYR A 57 -9.96 8.57 -13.06
N LEU A 58 -10.16 7.27 -13.18
CA LEU A 58 -9.21 6.33 -13.74
C LEU A 58 -9.94 5.51 -14.79
N ASP A 59 -10.32 6.15 -15.90
CA ASP A 59 -11.10 5.48 -16.94
C ASP A 59 -12.28 4.75 -16.33
N ASP A 60 -13.32 5.49 -15.94
CA ASP A 60 -14.61 5.12 -15.35
C ASP A 60 -14.52 4.67 -13.88
N LEU A 61 -13.35 4.66 -13.26
CA LEU A 61 -13.21 4.22 -11.87
C LEU A 61 -13.01 5.40 -10.93
N CYS A 62 -13.86 5.48 -9.91
CA CYS A 62 -13.72 6.50 -8.88
C CYS A 62 -12.53 6.18 -7.98
N VAL A 63 -11.58 7.09 -7.91
CA VAL A 63 -10.40 6.94 -7.07
C VAL A 63 -10.36 8.08 -6.06
N LYS A 64 -9.78 7.83 -4.89
CA LYS A 64 -9.68 8.83 -3.83
C LYS A 64 -8.22 9.03 -3.48
N ILE A 65 -7.76 10.27 -3.54
CA ILE A 65 -6.35 10.58 -3.32
C ILE A 65 -6.23 11.28 -1.98
N LEU A 66 -5.35 10.77 -1.13
CA LEU A 66 -5.16 11.35 0.18
C LEU A 66 -4.59 12.76 0.04
N ARG A 67 -5.13 13.67 0.83
CA ARG A 67 -4.70 15.06 0.79
C ARG A 67 -3.87 15.37 2.04
N GLU A 68 -2.93 16.30 1.89
CA GLU A 68 -2.11 16.77 3.00
C GLU A 68 -2.70 18.08 3.51
N ASP A 69 -3.21 18.05 4.74
CA ASP A 69 -3.87 19.20 5.35
C ASP A 69 -3.86 19.07 6.86
N LYS A 70 -3.60 20.19 7.54
CA LYS A 70 -3.67 20.22 8.99
C LYS A 70 -5.07 19.92 9.51
N ASN A 71 -6.11 20.14 8.70
CA ASN A 71 -7.48 19.93 9.16
C ASN A 71 -7.73 18.49 9.59
N CYS A 72 -7.07 17.53 8.93
CA CYS A 72 -7.19 16.12 9.30
C CYS A 72 -5.87 15.64 9.89
N PRO A 73 -5.86 15.21 11.16
CA PRO A 73 -4.61 14.76 11.76
C PRO A 73 -4.16 13.43 11.19
N GLY A 74 -2.85 13.20 11.25
CA GLY A 74 -2.31 11.94 10.79
C GLY A 74 -2.23 11.83 9.27
N SER A 75 -3.14 12.46 8.55
CA SER A 75 -3.05 12.46 7.09
C SER A 75 -1.72 13.05 6.63
N THR A 76 -1.30 14.15 7.25
CA THR A 76 -0.02 14.75 6.87
C THR A 76 1.12 13.76 7.10
N GLN A 77 1.13 13.08 8.25
CA GLN A 77 2.25 12.19 8.54
C GLN A 77 2.33 11.04 7.55
N LEU A 78 1.20 10.53 7.08
CA LEU A 78 1.27 9.41 6.14
C LEU A 78 1.80 9.87 4.79
N VAL A 79 1.34 11.03 4.31
CA VAL A 79 1.82 11.60 3.05
C VAL A 79 3.33 11.82 3.08
N LYS A 80 3.84 12.33 4.20
CA LYS A 80 5.28 12.51 4.33
C LYS A 80 5.99 11.17 4.48
N TRP A 81 5.34 10.18 5.08
CA TRP A 81 5.92 8.84 5.10
C TRP A 81 6.17 8.32 3.70
N MET A 82 5.25 8.56 2.77
CA MET A 82 5.44 8.14 1.39
C MET A 82 6.71 8.72 0.78
N LEU A 83 7.10 9.92 1.22
CA LEU A 83 8.34 10.54 0.74
C LEU A 83 9.53 9.65 0.96
N GLY A 84 9.62 9.03 2.14
CA GLY A 84 10.67 8.07 2.38
C GLY A 84 10.54 6.82 1.53
N CYS A 85 9.30 6.41 1.25
CA CYS A 85 9.08 5.28 0.34
C CYS A 85 9.59 5.60 -1.05
N TYR A 86 9.24 6.78 -1.58
CA TYR A 86 9.71 7.16 -2.91
C TYR A 86 11.23 7.17 -2.98
N ASP A 87 11.89 7.72 -1.96
CA ASP A 87 13.34 7.81 -1.97
C ASP A 87 13.98 6.42 -2.06
N ALA A 88 13.56 5.50 -1.17
CA ALA A 88 14.06 4.13 -1.23
C ALA A 88 13.73 3.48 -2.57
N LEU A 89 12.62 3.88 -3.19
CA LEU A 89 12.23 3.29 -4.47
C LEU A 89 13.16 3.73 -5.59
N GLN A 90 13.40 5.04 -5.73
CA GLN A 90 14.30 5.52 -6.78
C GLN A 90 15.69 4.90 -6.66
N LYS A 91 16.22 4.81 -5.44
CA LYS A 91 17.56 4.25 -5.23
C LYS A 91 17.60 2.73 -5.36
N LYS A 92 16.48 2.06 -5.65
CA LYS A 92 16.40 0.62 -5.83
C LYS A 92 16.81 -0.14 -4.56
N TYR A 93 16.57 0.47 -3.39
CA TYR A 93 16.80 -0.19 -2.11
C TYR A 93 15.57 -0.88 -1.54
N LEU A 94 14.36 -0.43 -1.91
CA LEU A 94 13.14 -0.83 -1.24
C LEU A 94 12.67 -2.21 -1.70
N ARG A 95 12.39 -3.08 -0.72
CA ARG A 95 11.87 -4.42 -0.95
C ARG A 95 10.40 -4.54 -0.59
N MET A 96 9.98 -3.96 0.53
CA MET A 96 8.62 -4.11 1.00
C MET A 96 8.25 -2.90 1.83
N VAL A 97 6.99 -2.47 1.73
CA VAL A 97 6.40 -1.48 2.62
C VAL A 97 5.25 -2.16 3.35
N VAL A 98 5.25 -2.07 4.69
CA VAL A 98 4.19 -2.63 5.51
C VAL A 98 3.51 -1.47 6.20
N LEU A 99 2.21 -1.29 5.92
CA LEU A 99 1.40 -0.28 6.58
C LEU A 99 0.50 -1.03 7.52
N ALA A 100 0.51 -0.65 8.81
CA ALA A 100 -0.10 -1.45 9.85
C ALA A 100 -1.04 -0.59 10.67
N VAL A 101 -2.18 -1.19 11.02
CA VAL A 101 -3.24 -0.54 11.77
C VAL A 101 -3.29 -1.17 13.17
N TYR A 102 -3.23 -0.34 14.20
CA TYR A 102 -3.24 -0.84 15.58
C TYR A 102 -4.10 0.10 16.43
N THR A 103 -4.53 -0.41 17.59
CA THR A 103 -5.52 0.29 18.40
C THR A 103 -4.91 0.92 19.65
N ASN A 104 -4.05 0.22 20.34
CA ASN A 104 -3.48 0.79 21.55
C ASN A 104 -2.37 1.75 21.14
N PRO A 105 -2.52 3.05 21.38
CA PRO A 105 -1.47 4.01 20.99
C PRO A 105 -0.13 3.76 21.68
N GLU A 106 -0.01 2.75 22.53
CA GLU A 106 1.23 2.48 23.24
C GLU A 106 1.89 1.16 22.85
N ASP A 107 1.16 0.27 22.16
CA ASP A 107 1.71 -0.99 21.66
C ASP A 107 1.51 -1.06 20.15
N PRO A 108 2.29 -0.31 19.36
CA PRO A 108 2.27 -0.49 17.90
C PRO A 108 2.64 -1.90 17.46
N GLN A 109 3.18 -2.74 18.34
CA GLN A 109 3.54 -4.07 17.88
C GLN A 109 2.30 -4.96 17.75
N THR A 110 1.23 -4.69 18.50
CA THR A 110 0.02 -5.51 18.42
C THR A 110 -0.96 -4.85 17.46
N ILE A 111 -1.17 -5.47 16.30
CA ILE A 111 -1.84 -4.82 15.20
C ILE A 111 -3.16 -5.54 14.89
N SER A 112 -4.10 -4.79 14.26
CA SER A 112 -5.41 -5.31 13.86
C SER A 112 -5.48 -5.69 12.39
N GLU A 113 -4.66 -5.09 11.55
CA GLU A 113 -4.68 -5.25 10.10
C GLU A 113 -3.40 -4.66 9.57
N CYS A 114 -2.92 -5.19 8.45
CA CYS A 114 -1.81 -4.54 7.75
C CYS A 114 -1.90 -4.76 6.25
N TYR A 115 -1.08 -3.99 5.52
CA TYR A 115 -1.05 -4.01 4.05
C TYR A 115 0.41 -4.07 3.64
N GLN A 116 0.73 -4.97 2.72
CA GLN A 116 2.10 -5.19 2.29
C GLN A 116 2.22 -4.79 0.84
N PHE A 117 3.26 -4.03 0.54
CA PHE A 117 3.54 -3.55 -0.82
C PHE A 117 4.95 -4.04 -1.16
N LYS A 118 5.05 -4.97 -2.11
CA LYS A 118 6.32 -5.62 -2.42
C LYS A 118 6.89 -5.08 -3.72
N PHE A 119 8.20 -4.87 -3.75
CA PHE A 119 8.84 -4.35 -4.95
C PHE A 119 10.00 -5.25 -5.32
N LYS A 120 10.13 -5.55 -6.61
CA LYS A 120 11.29 -6.24 -7.16
C LYS A 120 11.80 -5.45 -8.37
N TYR A 121 13.11 -5.37 -8.52
CA TYR A 121 13.74 -4.65 -9.62
C TYR A 121 14.33 -5.66 -10.62
N THR A 122 14.07 -5.45 -11.90
CA THR A 122 14.43 -6.39 -12.94
C THR A 122 14.77 -5.65 -14.21
N ASN A 123 15.45 -6.31 -15.13
CA ASN A 123 15.53 -5.82 -16.50
C ASN A 123 14.95 -6.82 -17.49
N ASN A 124 14.40 -7.93 -17.02
CA ASN A 124 14.03 -9.05 -17.87
C ASN A 124 12.54 -9.02 -18.20
N GLY A 125 12.15 -7.94 -18.87
CA GLY A 125 10.81 -7.78 -19.42
C GLY A 125 9.76 -7.86 -18.35
N PRO A 126 8.50 -7.78 -18.78
CA PRO A 126 7.38 -7.87 -17.82
C PRO A 126 7.22 -9.26 -17.23
N LEU A 127 6.25 -9.41 -16.33
CA LEU A 127 5.90 -10.72 -15.81
C LEU A 127 5.36 -11.61 -16.91
N MET A 128 5.71 -12.89 -16.84
CA MET A 128 5.20 -13.89 -17.76
C MET A 128 4.00 -14.59 -17.10
N ASP A 129 2.86 -14.58 -17.78
CA ASP A 129 1.60 -15.04 -17.21
C ASP A 129 1.17 -16.37 -17.80
N PHE A 130 0.30 -17.08 -17.08
CA PHE A 130 -0.16 -18.37 -17.53
C PHE A 130 -1.68 -18.41 -17.61
N ASP A 145 0.14 -4.42 -22.05
CA ASP A 145 -0.57 -3.23 -21.56
C ASP A 145 -0.48 -3.11 -20.05
N THR A 146 0.17 -2.04 -19.60
CA THR A 146 0.35 -1.83 -18.18
C THR A 146 -0.81 -1.06 -17.54
N LYS A 147 -1.60 -0.33 -18.33
CA LYS A 147 -2.73 0.44 -17.81
C LYS A 147 -3.92 -0.47 -17.50
N LYS A 148 -4.17 -1.47 -18.35
CA LYS A 148 -5.17 -2.47 -18.00
C LYS A 148 -4.82 -3.14 -16.67
N ALA A 149 -3.57 -3.57 -16.52
CA ALA A 149 -3.15 -4.21 -15.27
C ALA A 149 -3.31 -3.26 -14.09
N SER A 150 -2.98 -1.98 -14.26
CA SER A 150 -3.13 -1.03 -13.17
C SER A 150 -4.59 -0.86 -12.79
N ILE A 151 -5.48 -0.82 -13.78
CA ILE A 151 -6.87 -0.62 -13.45
C ILE A 151 -7.45 -1.89 -12.85
N LEU A 152 -6.92 -3.06 -13.24
CA LEU A 152 -7.37 -4.29 -12.62
C LEU A 152 -6.92 -4.36 -11.16
N LEU A 153 -5.72 -3.88 -10.86
CA LEU A 153 -5.27 -3.94 -9.47
C LEU A 153 -6.14 -3.07 -8.57
N ILE A 154 -6.46 -1.85 -9.02
CA ILE A 154 -7.28 -0.95 -8.20
C ILE A 154 -8.70 -1.49 -8.08
N ARG A 155 -9.24 -2.06 -9.16
CA ARG A 155 -10.58 -2.61 -9.09
C ARG A 155 -10.61 -3.80 -8.13
N LYS A 156 -9.53 -4.58 -8.08
CA LYS A 156 -9.48 -5.71 -7.16
C LYS A 156 -9.40 -5.24 -5.72
N ILE A 157 -8.60 -4.20 -5.44
CA ILE A 157 -8.58 -3.64 -4.09
C ILE A 157 -10.00 -3.31 -3.64
N TYR A 158 -10.81 -2.74 -4.55
CA TYR A 158 -12.18 -2.40 -4.18
C TYR A 158 -13.01 -3.66 -3.91
N ILE A 159 -12.99 -4.61 -4.85
CA ILE A 159 -13.80 -5.82 -4.72
C ILE A 159 -13.44 -6.58 -3.45
N LEU A 160 -12.15 -6.66 -3.13
CA LEU A 160 -11.63 -7.48 -2.04
C LEU A 160 -11.67 -6.77 -0.70
N MET A 161 -12.01 -5.48 -0.67
CA MET A 161 -12.05 -4.73 0.57
C MET A 161 -13.29 -3.88 0.73
N GLN A 162 -14.22 -3.94 -0.23
CA GLN A 162 -15.48 -3.23 -0.09
C GLN A 162 -16.25 -3.73 1.11
N ASN A 163 -16.23 -5.05 1.31
CA ASN A 163 -17.15 -5.75 2.18
C ASN A 163 -16.48 -6.28 3.44
N LEU A 164 -15.22 -5.93 3.66
CA LEU A 164 -14.56 -6.31 4.89
C LEU A 164 -15.24 -5.66 6.09
N GLY A 165 -15.41 -6.42 7.16
CA GLY A 165 -15.94 -5.87 8.39
C GLY A 165 -15.15 -4.67 8.86
N PRO A 166 -15.78 -3.80 9.65
CA PRO A 166 -15.10 -2.56 10.06
C PRO A 166 -13.89 -2.80 10.96
N LEU A 167 -12.95 -1.87 10.89
CA LEU A 167 -11.89 -1.77 11.87
C LEU A 167 -12.47 -1.25 13.19
N PRO A 168 -11.72 -1.35 14.29
CA PRO A 168 -12.10 -0.62 15.51
C PRO A 168 -12.25 0.86 15.21
N ASN A 169 -12.93 1.56 16.13
CA ASN A 169 -13.34 2.94 15.86
C ASN A 169 -12.14 3.88 15.82
N ASP A 170 -11.27 3.78 16.82
CA ASP A 170 -10.06 4.62 16.89
C ASP A 170 -8.85 3.73 16.65
N VAL A 171 -8.09 4.03 15.58
CA VAL A 171 -6.93 3.25 15.20
C VAL A 171 -5.74 4.16 14.95
N CYS A 172 -4.55 3.58 15.01
CA CYS A 172 -3.32 4.29 14.74
C CYS A 172 -2.65 3.68 13.52
N LEU A 173 -1.73 4.43 12.94
CA LEU A 173 -0.99 4.01 11.76
C LEU A 173 0.51 4.02 12.06
N THR A 174 1.19 2.98 11.60
CA THR A 174 2.63 2.87 11.66
C THR A 174 3.09 2.26 10.34
N MET A 175 4.37 2.47 9.99
CA MET A 175 4.91 2.00 8.73
C MET A 175 6.27 1.32 8.95
N LYS A 176 6.53 0.24 8.19
CA LYS A 176 7.79 -0.47 8.23
C LYS A 176 8.31 -0.67 6.82
N LEU A 177 9.58 -0.30 6.59
CA LEU A 177 10.24 -0.51 5.31
C LEU A 177 11.23 -1.66 5.39
N PHE A 178 11.40 -2.37 4.29
CA PHE A 178 12.38 -3.44 4.22
C PHE A 178 13.19 -3.33 2.93
N TYR A 179 14.45 -3.71 3.01
CA TYR A 179 15.38 -3.41 1.92
C TYR A 179 15.96 -4.68 1.32
N TYR A 180 16.55 -4.50 0.14
CA TYR A 180 17.52 -5.46 -0.40
C TYR A 180 18.88 -5.10 0.19
N ASP A 181 19.23 -5.78 1.28
CA ASP A 181 20.37 -5.39 2.09
C ASP A 181 21.69 -5.48 1.35
N GLU A 182 21.78 -6.33 0.31
CA GLU A 182 23.02 -6.54 -0.40
C GLU A 182 23.40 -5.35 -1.28
N VAL A 183 22.49 -4.41 -1.50
CA VAL A 183 22.77 -3.17 -2.23
C VAL A 183 22.50 -1.93 -1.40
N THR A 184 22.11 -2.08 -0.16
CA THR A 184 21.71 -0.92 0.61
C THR A 184 22.78 -0.59 1.64
N PRO A 185 23.29 0.63 1.66
CA PRO A 185 24.21 1.04 2.72
C PRO A 185 23.60 0.79 4.08
N PRO A 186 24.31 0.08 4.96
CA PRO A 186 23.74 -0.27 6.27
C PRO A 186 23.33 0.94 7.11
N ASP A 187 23.79 2.14 6.78
CA ASP A 187 23.45 3.34 7.53
C ASP A 187 22.43 4.22 6.82
N TYR A 188 21.97 3.81 5.63
CA TYR A 188 20.98 4.60 4.89
C TYR A 188 19.67 4.68 5.68
N GLN A 189 19.05 5.86 5.64
CA GLN A 189 17.74 6.05 6.24
C GLN A 189 16.96 6.96 5.30
N PRO A 190 15.73 6.62 4.95
CA PRO A 190 14.90 7.51 4.16
C PRO A 190 14.51 8.72 4.98
N PRO A 191 14.11 9.82 4.34
CA PRO A 191 13.69 11.01 5.10
C PRO A 191 12.49 10.70 5.99
N GLY A 192 12.70 10.90 7.29
CA GLY A 192 11.65 10.69 8.27
C GLY A 192 11.66 9.34 8.95
N PHE A 193 12.65 8.50 8.63
CA PHE A 193 12.71 7.14 9.15
C PHE A 193 13.99 6.94 9.93
N LYS A 194 13.88 6.21 11.03
CA LYS A 194 15.00 5.72 11.82
C LYS A 194 15.10 4.22 11.63
N ASP A 195 16.24 3.65 12.02
CA ASP A 195 16.34 2.21 11.98
C ASP A 195 15.38 1.60 13.00
N GLY A 196 14.89 0.39 12.67
CA GLY A 196 13.74 -0.17 13.34
C GLY A 196 14.06 -0.87 14.65
N ASP A 197 13.00 -1.16 15.41
CA ASP A 197 13.12 -1.78 16.73
C ASP A 197 12.73 -3.25 16.68
N CYS A 198 11.47 -3.57 16.46
CA CYS A 198 10.99 -4.95 16.40
C CYS A 198 10.49 -5.23 14.99
N GLU A 199 11.03 -6.29 14.36
CA GLU A 199 10.68 -6.59 12.97
C GLU A 199 9.30 -7.24 12.85
N GLY A 200 8.90 -8.04 13.83
CA GLY A 200 7.60 -8.70 13.81
C GLY A 200 6.54 -7.95 14.60
N VAL A 201 5.31 -8.40 14.43
CA VAL A 201 4.13 -7.82 15.06
C VAL A 201 3.23 -8.96 15.50
N ILE A 202 2.44 -8.72 16.54
CA ILE A 202 1.41 -9.65 16.96
C ILE A 202 0.12 -9.30 16.24
N PHE A 203 -0.45 -10.26 15.53
CA PHE A 203 -1.75 -10.09 14.92
C PHE A 203 -2.84 -10.61 15.85
N GLU A 204 -3.71 -9.69 16.28
CA GLU A 204 -4.91 -10.07 17.03
C GLU A 204 -5.81 -10.94 16.18
N GLY A 205 -6.36 -11.99 16.79
CA GLY A 205 -7.30 -12.85 16.08
C GLY A 205 -6.60 -13.82 15.15
N GLU A 206 -7.38 -14.36 14.20
CA GLU A 206 -6.82 -15.27 13.21
C GLU A 206 -6.59 -14.54 11.90
N PRO A 207 -5.36 -14.46 11.42
CA PRO A 207 -5.09 -13.67 10.21
C PRO A 207 -5.40 -14.42 8.92
N MET A 208 -6.07 -13.73 8.01
CA MET A 208 -6.29 -14.21 6.65
C MET A 208 -5.43 -13.41 5.68
N TYR A 209 -4.85 -14.09 4.69
CA TYR A 209 -3.89 -13.52 3.75
C TYR A 209 -4.55 -13.38 2.40
N LEU A 210 -4.87 -12.14 2.01
CA LEU A 210 -5.40 -11.83 0.68
C LEU A 210 -4.28 -11.34 -0.24
N ASN A 211 -3.98 -12.12 -1.28
CA ASN A 211 -3.08 -11.66 -2.34
C ASN A 211 -3.93 -10.92 -3.37
N VAL A 212 -3.90 -9.58 -3.31
CA VAL A 212 -4.75 -8.77 -4.19
C VAL A 212 -4.34 -8.90 -5.65
N GLY A 213 -3.08 -8.62 -5.97
CA GLY A 213 -2.60 -8.79 -7.32
C GLY A 213 -1.20 -8.21 -7.49
N GLU A 214 -0.69 -8.33 -8.72
CA GLU A 214 0.58 -7.74 -9.12
C GLU A 214 0.39 -6.81 -10.30
N VAL A 215 1.38 -5.96 -10.55
CA VAL A 215 1.52 -5.22 -11.80
C VAL A 215 2.99 -5.22 -12.15
N SER A 216 3.32 -5.50 -13.42
CA SER A 216 4.71 -5.52 -13.81
C SER A 216 4.95 -4.60 -15.01
N THR A 217 6.21 -4.21 -15.16
CA THR A 217 6.75 -3.50 -16.32
C THR A 217 8.05 -4.19 -16.68
N PRO A 218 8.71 -3.79 -17.78
CA PRO A 218 9.99 -4.42 -18.11
C PRO A 218 10.99 -4.34 -16.96
N PHE A 219 10.76 -3.41 -16.05
CA PHE A 219 11.79 -3.01 -15.10
C PHE A 219 11.39 -3.16 -13.65
N HIS A 220 10.10 -3.23 -13.34
CA HIS A 220 9.63 -3.32 -11.97
C HIS A 220 8.54 -4.38 -11.87
N ILE A 221 8.36 -4.91 -10.65
CA ILE A 221 7.15 -5.62 -10.26
C ILE A 221 6.65 -5.01 -8.96
N PHE A 222 5.32 -4.84 -8.87
CA PHE A 222 4.63 -4.26 -7.73
C PHE A 222 3.52 -5.22 -7.32
N LYS A 223 3.54 -5.66 -6.06
CA LYS A 223 2.53 -6.60 -5.55
C LYS A 223 1.81 -6.01 -4.36
N VAL A 224 0.55 -6.42 -4.16
CA VAL A 224 -0.24 -5.95 -3.02
C VAL A 224 -0.81 -7.16 -2.27
N LYS A 225 -0.59 -7.21 -0.97
CA LYS A 225 -1.08 -8.27 -0.11
C LYS A 225 -1.71 -7.62 1.10
N VAL A 226 -2.85 -8.17 1.55
CA VAL A 226 -3.59 -7.65 2.70
C VAL A 226 -3.73 -8.76 3.74
N THR A 227 -3.66 -8.39 5.01
CA THR A 227 -3.77 -9.33 6.11
C THR A 227 -4.87 -8.85 7.06
N THR A 228 -5.96 -9.59 7.10
CA THR A 228 -7.11 -9.17 7.88
C THR A 228 -7.59 -10.32 8.75
N GLU A 229 -8.31 -9.97 9.82
CA GLU A 229 -8.81 -10.94 10.78
C GLU A 229 -9.98 -11.72 10.21
N ARG A 230 -10.08 -13.00 10.59
CA ARG A 230 -11.13 -13.86 10.03
C ARG A 230 -12.53 -13.26 10.19
N GLU A 231 -12.84 -12.67 11.36
CA GLU A 231 -14.21 -12.26 11.58
C GLU A 231 -14.64 -11.11 10.67
N ARG A 232 -13.69 -10.40 10.06
CA ARG A 232 -13.97 -9.31 9.13
C ARG A 232 -14.34 -9.81 7.73
N MET A 233 -14.11 -11.10 7.47
CA MET A 233 -14.57 -11.73 6.24
C MET A 233 -16.00 -12.23 6.43
N GLU A 234 -16.73 -12.35 5.32
CA GLU A 234 -18.13 -12.73 5.39
C GLU A 234 -18.43 -14.04 4.71
N ASN A 235 -17.73 -14.36 3.62
CA ASN A 235 -18.00 -15.52 2.78
C ASN A 235 -19.46 -15.56 2.33
N ILE A 236 -20.07 -14.37 2.27
CA ILE A 236 -21.34 -14.12 1.59
C ILE A 236 -21.17 -14.58 0.14
N ASP A 237 -21.87 -15.63 -0.27
CA ASP A 237 -21.78 -16.13 -1.62
C ASP A 237 -22.99 -15.59 -2.39
N SER A 238 -23.75 -16.41 -3.13
CA SER A 238 -24.92 -15.95 -3.88
C SER A 238 -26.09 -15.79 -2.91
N THR A 239 -26.00 -14.72 -2.14
CA THR A 239 -27.04 -14.30 -1.24
C THR A 239 -27.49 -12.90 -1.66
N ILE A 240 -28.38 -12.32 -0.87
CA ILE A 240 -28.91 -11.00 -1.16
C ILE A 240 -27.86 -9.92 -0.90
N LEU A 241 -26.86 -10.20 -0.05
CA LEU A 241 -25.89 -9.20 0.37
C LEU A 241 -24.83 -8.88 -0.69
N SER A 242 -24.43 -9.88 -1.49
CA SER A 242 -23.57 -9.66 -2.65
C SER A 242 -23.72 -10.86 -3.59
N PRO A 243 -24.74 -10.85 -4.46
CA PRO A 243 -25.11 -11.87 -5.45
C PRO A 243 -23.96 -12.26 -6.39
N ARG A 385 18.58 -8.55 9.02
CA ARG A 385 17.86 -7.89 7.94
C ARG A 385 17.60 -6.43 8.28
N LYS A 386 17.99 -5.53 7.37
CA LYS A 386 17.80 -4.11 7.58
C LYS A 386 16.31 -3.77 7.46
N PHE A 387 15.80 -2.99 8.43
CA PHE A 387 14.41 -2.56 8.40
C PHE A 387 14.25 -1.25 9.16
N SER A 388 13.30 -0.42 8.69
CA SER A 388 13.13 0.95 9.16
C SER A 388 11.69 1.19 9.60
N GLU A 389 11.55 2.11 10.54
CA GLU A 389 10.32 2.56 11.17
C GLU A 389 10.36 4.09 11.19
N PRO A 390 9.22 4.75 11.37
CA PRO A 390 9.19 6.21 11.27
C PRO A 390 9.46 6.92 12.59
N LYS A 391 9.91 8.17 12.49
CA LYS A 391 10.13 9.03 13.65
C LYS A 391 8.84 9.65 14.16
#